data_3H1V
#
_entry.id   3H1V
#
_cell.length_a   79.793
_cell.length_b   79.793
_cell.length_c   326.124
_cell.angle_alpha   90.000
_cell.angle_beta   90.000
_cell.angle_gamma   120.000
#
_symmetry.space_group_name_H-M   'P 65 2 2'
#
loop_
_entity.id
_entity.type
_entity.pdbx_description
1 polymer Glucokinase
2 non-polymer alpha-D-glucopyranose
3 non-polymer 1-({5-[4-(methylsulfonyl)phenoxy]-2-pyridin-2-yl-1H-benzimidazol-6-yl}methyl)pyrrolidine-2,5-dione
4 non-polymer 'SODIUM ION'
5 water water
#
_entity_poly.entity_id   1
_entity_poly.type   'polypeptide(L)'
_entity_poly.pdbx_seq_one_letter_code
;MVEQILAEFQLQEEDLKKVMRRMQKEMDRGLRLETHEEASVKMLPTYVRSTPEGSEVGDFLSLDLGGTNFRVMLVKVGEG
EEGQWSVKTKHQMYSIPEDAMTGTAEMLFDYISECISDFLDKHQMKHKKLPLGFTFSFPVRHEDIDKGILLNWTKGFKAS
GAEGNNVVGLLRDAIKRRGDFEMDVVAMVNDTVATMISCYYEDHQCEVGMIVGTGCNACYMEEMQNVELVEGDEGRMCVN
TEWGAFGDSGELDEFLLEYDRLVDESSANPGQQLYEKLIGGKYMGELVRLVLLRLVDENLLFHGEASEQLRTRGAFETRF
VSQVESDTGDRKQIYNILSTLGLRPSTTDCDIVRRACESVSTRAAHMCSAGLAGVINRMRESRSEDVMRITVGVDGSVYK
LHPSFKERFHASVRRLTPSCEITFIESEEGSGRGAALVSAVACKKACMLGQ
;
_entity_poly.pdbx_strand_id   X
#
loop_
_chem_comp.id
_chem_comp.type
_chem_comp.name
_chem_comp.formula
GLC D-saccharide, alpha linking alpha-D-glucopyranose 'C6 H12 O6'
NA non-polymer 'SODIUM ION' 'Na 1'
TK1 non-polymer 1-({5-[4-(methylsulfonyl)phenoxy]-2-pyridin-2-yl-1H-benzimidazol-6-yl}methyl)pyrrolidine-2,5-dione 'C24 H20 N4 O5 S'
#
# COMPACT_ATOMS: atom_id res chain seq x y z
N MET A 1 -17.62 29.85 8.33
CA MET A 1 -16.84 29.30 9.48
C MET A 1 -15.96 28.13 8.98
N VAL A 2 -14.67 28.20 9.31
CA VAL A 2 -13.72 27.20 8.87
C VAL A 2 -14.14 25.90 9.52
N GLU A 3 -14.56 25.95 10.76
CA GLU A 3 -14.89 24.77 11.54
C GLU A 3 -16.03 23.94 10.93
N GLN A 4 -16.91 24.65 10.23
CA GLN A 4 -18.08 24.13 9.57
C GLN A 4 -17.65 23.47 8.29
N ILE A 5 -16.64 24.02 7.63
CA ILE A 5 -16.15 23.38 6.42
C ILE A 5 -15.35 22.10 6.82
N LEU A 6 -14.60 22.18 7.91
CA LEU A 6 -13.75 21.07 8.36
C LEU A 6 -14.54 19.96 8.98
N ALA A 7 -15.66 20.31 9.61
CA ALA A 7 -16.57 19.35 10.21
C ALA A 7 -17.11 18.32 9.19
N GLU A 8 -17.14 18.66 7.91
CA GLU A 8 -17.54 17.74 6.85
C GLU A 8 -16.67 16.47 6.74
N PHE A 9 -15.45 16.54 7.31
CA PHE A 9 -14.55 15.39 7.38
C PHE A 9 -14.80 14.43 8.52
N GLN A 10 -15.60 14.84 9.52
CA GLN A 10 -15.77 13.98 10.67
C GLN A 10 -16.49 12.69 10.31
N LEU A 11 -16.19 11.62 11.04
CA LEU A 11 -16.93 10.37 10.86
C LEU A 11 -17.30 9.91 12.23
N GLN A 12 -18.60 9.74 12.45
CA GLN A 12 -19.07 9.23 13.75
C GLN A 12 -18.87 7.74 13.87
N GLU A 13 -18.92 7.19 15.07
CA GLU A 13 -18.72 5.75 15.22
C GLU A 13 -19.62 4.95 14.27
N GLU A 14 -20.82 5.48 14.01
CA GLU A 14 -21.81 4.74 13.25
C GLU A 14 -21.52 4.76 11.78
N ASP A 15 -20.96 5.87 11.33
CA ASP A 15 -20.39 5.98 10.00
C ASP A 15 -19.28 4.91 9.81
N LEU A 16 -18.35 4.81 10.76
CA LEU A 16 -17.30 3.78 10.71
C LEU A 16 -17.78 2.29 10.72
N LYS A 17 -18.80 2.00 11.55
CA LYS A 17 -19.37 0.66 11.60
C LYS A 17 -20.05 0.35 10.27
N LYS A 18 -20.77 1.33 9.73
CA LYS A 18 -21.27 1.24 8.38
C LYS A 18 -20.23 0.97 7.27
N VAL A 19 -19.14 1.75 7.27
CA VAL A 19 -18.02 1.52 6.32
C VAL A 19 -17.51 0.10 6.55
N MET A 20 -17.23 -0.26 7.79
CA MET A 20 -16.73 -1.57 8.13
C MET A 20 -17.58 -2.74 7.59
N ARG A 21 -18.90 -2.68 7.81
CA ARG A 21 -19.85 -3.72 7.35
C ARG A 21 -19.93 -3.80 5.86
N ARG A 22 -19.88 -2.67 5.20
CA ARG A 22 -19.90 -2.65 3.76
C ARG A 22 -18.62 -3.27 3.19
N MET A 23 -17.46 -2.98 3.79
CA MET A 23 -16.18 -3.58 3.38
C MET A 23 -16.26 -5.12 3.56
N GLN A 24 -16.82 -5.58 4.68
CA GLN A 24 -16.94 -7.00 4.93
C GLN A 24 -17.82 -7.65 3.83
N LYS A 25 -18.84 -6.91 3.38
CA LYS A 25 -19.79 -7.38 2.40
C LYS A 25 -19.09 -7.46 1.05
N GLU A 26 -18.23 -6.51 0.74
CA GLU A 26 -17.53 -6.52 -0.52
C GLU A 26 -16.46 -7.57 -0.54
N MET A 27 -15.82 -7.81 0.59
CA MET A 27 -14.80 -8.86 0.72
C MET A 27 -15.46 -10.25 0.45
N ASP A 28 -16.70 -10.41 0.92
CA ASP A 28 -17.39 -11.66 0.76
C ASP A 28 -17.76 -11.80 -0.71
N ARG A 29 -18.24 -10.71 -1.34
CA ARG A 29 -18.52 -10.74 -2.78
C ARG A 29 -17.33 -11.14 -3.68
N GLY A 30 -16.15 -10.60 -3.37
CA GLY A 30 -14.92 -10.84 -4.10
C GLY A 30 -14.44 -12.28 -4.00
N LEU A 31 -14.71 -12.93 -2.87
CA LEU A 31 -14.27 -14.30 -2.67
C LEU A 31 -15.14 -15.41 -3.39
N ARG A 32 -16.40 -15.06 -3.70
CA ARG A 32 -17.41 -15.96 -4.23
C ARG A 32 -17.35 -15.98 -5.77
N LEU A 33 -17.52 -17.18 -6.35
CA LEU A 33 -17.36 -17.37 -7.80
C LEU A 33 -18.37 -16.52 -8.52
N GLU A 34 -19.61 -16.55 -8.02
CA GLU A 34 -20.70 -15.83 -8.65
C GLU A 34 -20.54 -14.28 -8.70
N THR A 35 -19.74 -13.72 -7.81
CA THR A 35 -19.55 -12.28 -7.79
C THR A 35 -18.10 -11.80 -7.91
N HIS A 36 -17.11 -12.68 -8.00
CA HIS A 36 -15.71 -12.23 -7.91
C HIS A 36 -15.28 -11.27 -9.03
N GLU A 37 -15.97 -11.37 -10.15
CA GLU A 37 -15.57 -10.71 -11.40
C GLU A 37 -16.09 -9.29 -11.45
N GLU A 38 -17.23 -9.08 -10.80
CA GLU A 38 -17.86 -7.77 -10.70
C GLU A 38 -17.48 -6.99 -9.41
N ALA A 39 -16.84 -7.69 -8.45
CA ALA A 39 -16.49 -7.23 -7.15
C ALA A 39 -15.48 -6.08 -7.18
N SER A 40 -15.84 -5.01 -6.41
CA SER A 40 -15.00 -3.79 -6.34
C SER A 40 -13.80 -4.13 -5.49
N VAL A 41 -14.04 -4.92 -4.46
CA VAL A 41 -12.95 -5.55 -3.67
C VAL A 41 -12.58 -6.94 -4.17
N LYS A 42 -11.49 -6.99 -4.93
CA LYS A 42 -11.22 -8.18 -5.79
C LYS A 42 -10.82 -9.45 -5.07
N MET A 43 -10.14 -9.33 -3.94
CA MET A 43 -9.84 -10.45 -3.06
C MET A 43 -8.96 -11.57 -3.77
N LEU A 44 -7.80 -11.16 -4.24
CA LEU A 44 -7.02 -11.89 -5.25
C LEU A 44 -6.23 -12.93 -4.57
N PRO A 45 -6.56 -14.22 -4.85
CA PRO A 45 -5.73 -15.26 -4.27
C PRO A 45 -4.32 -15.04 -4.72
N THR A 46 -3.40 -15.24 -3.84
CA THR A 46 -2.02 -14.91 -4.09
C THR A 46 -1.09 -16.16 -4.21
N TYR A 47 -1.60 -17.34 -3.86
CA TYR A 47 -0.85 -18.66 -3.90
C TYR A 47 0.17 -18.80 -2.80
N VAL A 48 0.16 -17.83 -1.87
CA VAL A 48 1.03 -17.94 -0.68
C VAL A 48 0.22 -18.69 0.39
N ARG A 49 0.73 -19.84 0.86
CA ARG A 49 -0.05 -20.73 1.73
C ARG A 49 0.56 -20.89 3.08
N SER A 50 -0.27 -21.27 4.04
CA SER A 50 0.20 -21.59 5.38
C SER A 50 1.06 -22.84 5.43
N THR A 51 1.76 -22.95 6.55
CA THR A 51 2.73 -24.01 6.89
C THR A 51 4.12 -23.90 6.17
N PRO A 52 5.17 -24.40 6.86
CA PRO A 52 6.51 -24.29 6.28
C PRO A 52 6.88 -25.53 5.47
N GLU A 53 6.48 -25.56 4.19
CA GLU A 53 6.90 -26.68 3.31
C GLU A 53 8.42 -26.64 2.98
N GLY A 54 9.25 -26.69 4.02
CA GLY A 54 10.72 -26.51 3.89
C GLY A 54 11.20 -25.15 3.35
N SER A 55 12.34 -24.66 3.84
CA SER A 55 12.98 -23.49 3.21
C SER A 55 14.47 -23.59 2.88
N GLU A 56 14.76 -23.27 1.63
CA GLU A 56 16.12 -23.18 1.13
C GLU A 56 16.84 -22.03 1.85
N VAL A 57 18.16 -22.08 1.89
CA VAL A 57 18.96 -21.02 2.47
C VAL A 57 19.86 -20.43 1.40
N GLY A 58 20.66 -19.43 1.79
CA GLY A 58 21.52 -18.76 0.83
C GLY A 58 21.13 -17.33 0.55
N ASP A 59 21.34 -16.87 -0.68
CA ASP A 59 21.09 -15.48 -1.04
C ASP A 59 20.10 -15.36 -2.16
N PHE A 60 19.28 -14.29 -2.08
CA PHE A 60 18.14 -14.15 -2.97
C PHE A 60 18.16 -12.77 -3.54
N LEU A 61 17.79 -12.65 -4.81
CA LEU A 61 17.62 -11.31 -5.31
C LEU A 61 16.17 -10.82 -5.04
N SER A 62 16.00 -9.57 -4.63
CA SER A 62 14.67 -8.97 -4.43
C SER A 62 14.45 -7.71 -5.25
N LEU A 63 13.41 -7.70 -6.06
CA LEU A 63 13.03 -6.47 -6.73
C LEU A 63 11.80 -5.86 -6.04
N ASP A 64 11.73 -4.52 -6.07
CA ASP A 64 10.62 -3.78 -5.50
C ASP A 64 10.17 -2.69 -6.43
N LEU A 65 9.13 -2.97 -7.19
CA LEU A 65 8.52 -1.96 -8.01
C LEU A 65 7.12 -1.57 -7.48
N GLY A 66 6.89 -0.29 -7.21
CA GLY A 66 5.57 0.15 -6.75
C GLY A 66 5.48 1.63 -6.43
N GLY A 67 6.65 2.28 -6.48
CA GLY A 67 6.76 3.73 -6.46
C GLY A 67 7.55 4.25 -7.67
N THR A 68 7.83 5.57 -7.65
CA THR A 68 8.67 6.21 -8.66
C THR A 68 10.11 5.74 -8.54
N ASN A 69 10.49 5.32 -7.32
CA ASN A 69 11.76 4.61 -7.12
C ASN A 69 11.61 3.09 -7.12
N PHE A 70 12.52 2.43 -7.83
CA PHE A 70 12.60 0.98 -7.88
C PHE A 70 13.82 0.53 -7.03
N ARG A 71 13.73 -0.61 -6.35
CA ARG A 71 14.77 -1.07 -5.42
C ARG A 71 15.23 -2.44 -5.86
N VAL A 72 16.52 -2.72 -5.68
CA VAL A 72 17.07 -4.02 -6.00
C VAL A 72 17.90 -4.25 -4.80
N MET A 73 17.83 -5.45 -4.24
CA MET A 73 18.56 -5.78 -3.03
C MET A 73 18.84 -7.26 -2.96
N LEU A 74 19.77 -7.60 -2.08
CA LEU A 74 20.16 -8.95 -1.87
C LEU A 74 19.82 -9.31 -0.45
N VAL A 75 19.17 -10.44 -0.28
CA VAL A 75 18.86 -10.86 1.04
C VAL A 75 19.35 -12.26 1.24
N LYS A 76 20.03 -12.42 2.37
CA LYS A 76 20.53 -13.67 2.83
C LYS A 76 19.56 -14.30 3.83
N VAL A 77 19.14 -15.52 3.50
CA VAL A 77 18.20 -16.29 4.28
C VAL A 77 18.99 -17.45 4.85
N GLY A 78 18.68 -17.85 6.05
CA GLY A 78 19.47 -18.85 6.70
C GLY A 78 18.60 -19.49 7.75
N GLU A 79 19.06 -20.64 8.26
CA GLU A 79 18.37 -21.48 9.26
C GLU A 79 18.75 -21.08 10.66
N GLY A 80 17.90 -21.45 11.62
CA GLY A 80 18.13 -21.05 13.00
C GLY A 80 17.18 -21.55 14.07
N GLU A 81 16.79 -20.61 14.95
CA GLU A 81 16.01 -20.90 16.14
C GLU A 81 14.59 -21.27 15.75
N GLU A 82 13.82 -20.21 15.49
CA GLU A 82 12.41 -20.29 15.24
C GLU A 82 12.20 -20.86 13.83
N GLY A 83 13.25 -20.65 13.03
CA GLY A 83 13.16 -20.93 11.63
C GLY A 83 14.12 -20.02 10.91
N GLN A 84 13.63 -19.38 9.85
CA GLN A 84 14.52 -18.76 8.89
C GLN A 84 14.70 -17.27 9.09
N TRP A 85 15.97 -16.89 9.33
CA TRP A 85 16.34 -15.52 9.46
C TRP A 85 16.52 -14.95 8.09
N SER A 86 16.45 -13.64 7.97
CA SER A 86 16.59 -13.00 6.71
C SER A 86 17.13 -11.63 7.04
N VAL A 87 17.89 -11.09 6.09
CA VAL A 87 18.64 -9.87 6.34
C VAL A 87 19.06 -9.35 4.99
N LYS A 88 18.76 -8.07 4.76
CA LYS A 88 19.24 -7.35 3.62
C LYS A 88 20.76 -7.12 3.76
N THR A 89 21.51 -7.45 2.70
CA THR A 89 23.00 -7.36 2.78
C THR A 89 23.52 -6.26 1.85
N LYS A 90 22.89 -6.12 0.70
CA LYS A 90 23.31 -5.21 -0.33
C LYS A 90 22.03 -4.60 -0.85
N HIS A 91 22.01 -3.30 -1.08
CA HIS A 91 20.81 -2.64 -1.62
C HIS A 91 21.14 -1.45 -2.45
N GLN A 92 20.42 -1.28 -3.54
CA GLN A 92 20.56 -0.10 -4.37
C GLN A 92 19.19 0.40 -4.83
N MET A 93 18.99 1.73 -4.86
CA MET A 93 17.72 2.35 -5.26
C MET A 93 17.87 3.07 -6.59
N TYR A 94 16.82 3.05 -7.40
CA TYR A 94 16.81 3.66 -8.74
C TYR A 94 15.52 4.43 -9.00
N SER A 95 15.66 5.69 -9.42
CA SER A 95 14.54 6.49 -9.93
C SER A 95 14.22 6.05 -11.35
N ILE A 96 12.95 5.97 -11.71
CA ILE A 96 12.60 5.63 -13.09
C ILE A 96 12.43 6.96 -13.85
N PRO A 97 13.02 7.07 -15.06
CA PRO A 97 12.84 8.28 -15.87
C PRO A 97 11.37 8.57 -16.12
N GLU A 98 11.08 9.82 -16.47
CA GLU A 98 9.72 10.27 -16.73
C GLU A 98 9.16 9.56 -17.95
N ASP A 99 9.94 9.57 -19.03
CA ASP A 99 9.56 8.95 -20.31
C ASP A 99 9.81 7.42 -20.37
N ALA A 100 10.37 6.87 -19.29
CA ALA A 100 10.49 5.43 -19.13
C ALA A 100 9.21 4.88 -18.51
N MET A 101 8.67 5.59 -17.52
CA MET A 101 7.44 5.15 -16.89
C MET A 101 6.18 5.43 -17.70
N THR A 102 6.30 6.29 -18.71
CA THR A 102 5.24 6.57 -19.69
C THR A 102 5.57 5.92 -21.04
N GLY A 103 6.57 5.04 -21.03
CA GLY A 103 7.03 4.39 -22.26
C GLY A 103 6.10 3.25 -22.59
N THR A 104 6.66 2.04 -22.61
CA THR A 104 5.86 0.83 -22.76
C THR A 104 6.28 -0.19 -21.69
N ALA A 105 5.50 -1.25 -21.51
CA ALA A 105 5.87 -2.35 -20.61
C ALA A 105 7.28 -2.93 -20.90
N GLU A 106 7.43 -3.45 -22.12
CA GLU A 106 8.66 -4.01 -22.63
C GLU A 106 9.84 -3.09 -22.41
N MET A 107 9.61 -1.80 -22.59
CA MET A 107 10.60 -0.73 -22.35
C MET A 107 10.93 -0.51 -20.86
N LEU A 108 9.88 -0.31 -20.03
CA LEU A 108 10.03 -0.12 -18.57
C LEU A 108 10.75 -1.31 -17.93
N PHE A 109 10.43 -2.51 -18.37
CA PHE A 109 11.09 -3.67 -17.83
C PHE A 109 12.52 -3.77 -18.33
N ASP A 110 12.79 -3.17 -19.49
CA ASP A 110 14.19 -2.99 -19.95
C ASP A 110 14.98 -2.03 -19.03
N TYR A 111 14.44 -0.84 -18.73
CA TYR A 111 15.07 0.05 -17.74
C TYR A 111 15.31 -0.63 -16.40
N ILE A 112 14.39 -1.53 -16.03
CA ILE A 112 14.44 -2.29 -14.79
C ILE A 112 15.57 -3.32 -14.83
N SER A 113 15.58 -4.16 -15.86
CA SER A 113 16.69 -5.13 -16.07
C SER A 113 18.06 -4.44 -16.22
N GLU A 114 18.05 -3.29 -16.87
CA GLU A 114 19.23 -2.45 -16.96
C GLU A 114 19.75 -2.12 -15.56
N CYS A 115 18.83 -1.66 -14.70
CA CYS A 115 19.11 -1.32 -13.30
C CYS A 115 19.58 -2.50 -12.47
N ILE A 116 19.04 -3.68 -12.76
CA ILE A 116 19.50 -4.88 -12.06
C ILE A 116 21.01 -5.02 -12.31
N SER A 117 21.45 -4.78 -13.56
CA SER A 117 22.89 -4.76 -13.93
C SER A 117 23.74 -3.68 -13.24
N ASP A 118 23.31 -2.42 -13.31
CA ASP A 118 24.05 -1.40 -12.57
C ASP A 118 24.29 -1.86 -11.12
N PHE A 119 23.36 -2.67 -10.58
CA PHE A 119 23.51 -3.25 -9.23
C PHE A 119 24.41 -4.50 -9.21
N LEU A 120 24.23 -5.40 -10.17
CA LEU A 120 24.96 -6.67 -10.21
C LEU A 120 26.47 -6.43 -10.43
N ASP A 121 26.80 -5.74 -11.52
CA ASP A 121 28.18 -5.30 -11.75
C ASP A 121 28.69 -4.54 -10.53
N LYS A 122 28.01 -3.44 -10.16
CA LYS A 122 28.43 -2.59 -9.03
C LYS A 122 28.56 -3.28 -7.65
N HIS A 123 28.27 -4.58 -7.60
CA HIS A 123 28.42 -5.33 -6.34
C HIS A 123 29.23 -6.61 -6.47
N GLN A 124 29.90 -6.77 -7.61
CA GLN A 124 30.84 -7.87 -7.86
C GLN A 124 30.09 -9.15 -8.20
N MET A 125 28.90 -9.05 -8.80
CA MET A 125 28.09 -10.27 -8.92
C MET A 125 27.27 -10.57 -10.18
N LYS A 126 27.55 -9.93 -11.33
CA LYS A 126 26.79 -10.27 -12.57
C LYS A 126 26.89 -11.72 -13.02
N HIS A 127 27.88 -12.43 -12.46
CA HIS A 127 28.09 -13.82 -12.82
C HIS A 127 27.12 -14.73 -12.07
N LYS A 128 26.50 -14.23 -11.00
CA LYS A 128 25.63 -15.09 -10.21
C LYS A 128 24.26 -15.30 -10.88
N LYS A 129 23.74 -16.52 -10.76
CA LYS A 129 22.38 -16.83 -11.18
C LYS A 129 21.55 -17.08 -9.91
N LEU A 130 20.95 -15.99 -9.42
CA LEU A 130 20.21 -16.02 -8.17
C LEU A 130 18.73 -16.31 -8.37
N PRO A 131 18.10 -16.94 -7.36
CA PRO A 131 16.63 -16.93 -7.33
C PRO A 131 16.13 -15.48 -7.12
N LEU A 132 15.09 -15.10 -7.85
CA LEU A 132 14.53 -13.75 -7.75
C LEU A 132 13.09 -13.72 -7.19
N GLY A 133 12.87 -12.88 -6.17
CA GLY A 133 11.51 -12.55 -5.65
C GLY A 133 11.14 -11.16 -6.15
N PHE A 134 9.97 -11.01 -6.74
CA PHE A 134 9.55 -9.71 -7.25
C PHE A 134 8.33 -9.19 -6.40
N THR A 135 8.54 -8.18 -5.56
CA THR A 135 7.39 -7.42 -4.95
C THR A 135 6.90 -6.44 -5.96
N PHE A 136 5.68 -6.61 -6.42
CA PHE A 136 5.14 -5.79 -7.42
C PHE A 136 3.78 -5.28 -6.82
N SER A 137 3.70 -3.98 -6.49
CA SER A 137 2.59 -3.38 -5.68
C SER A 137 1.44 -2.84 -6.45
N PHE A 138 0.84 -3.74 -7.26
CA PHE A 138 -0.22 -3.45 -8.23
C PHE A 138 -1.12 -4.68 -8.24
N PRO A 139 -2.39 -4.50 -8.58
CA PRO A 139 -3.25 -5.66 -8.49
C PRO A 139 -2.91 -6.69 -9.63
N VAL A 140 -2.70 -7.93 -9.21
CA VAL A 140 -2.37 -9.05 -10.10
C VAL A 140 -3.33 -10.24 -9.87
N ARG A 141 -3.97 -10.68 -10.96
CA ARG A 141 -4.61 -12.02 -10.96
C ARG A 141 -3.59 -13.11 -11.17
N HIS A 142 -3.26 -13.81 -10.08
CA HIS A 142 -2.38 -14.98 -10.10
C HIS A 142 -3.01 -16.26 -10.70
N GLU A 143 -2.18 -17.04 -11.39
CA GLU A 143 -2.51 -18.37 -11.78
C GLU A 143 -1.66 -19.19 -10.87
N ASP A 144 -0.55 -18.60 -10.45
CA ASP A 144 0.35 -19.23 -9.51
C ASP A 144 1.29 -18.21 -8.86
N ILE A 145 2.11 -18.70 -7.94
CA ILE A 145 3.07 -17.93 -7.18
C ILE A 145 4.05 -17.19 -8.07
N ASP A 146 4.17 -17.68 -9.34
CA ASP A 146 5.16 -17.14 -10.28
C ASP A 146 4.53 -16.69 -11.56
N LYS A 147 3.23 -16.48 -11.55
CA LYS A 147 2.51 -16.22 -12.77
C LYS A 147 1.27 -15.44 -12.42
N GLY A 148 1.09 -14.33 -13.12
CA GLY A 148 -0.05 -13.54 -12.93
C GLY A 148 -0.03 -12.29 -13.73
N ILE A 149 -1.20 -11.90 -14.16
CA ILE A 149 -1.32 -10.79 -15.03
C ILE A 149 -1.71 -9.54 -14.27
N LEU A 150 -1.11 -8.41 -14.65
CA LEU A 150 -1.46 -7.16 -14.02
C LEU A 150 -2.86 -6.78 -14.43
N LEU A 151 -3.71 -6.45 -13.47
CA LEU A 151 -5.10 -6.10 -13.82
C LEU A 151 -5.16 -4.67 -14.29
N ASN A 152 -4.46 -3.80 -13.59
CA ASN A 152 -4.37 -2.38 -13.93
C ASN A 152 -3.35 -1.67 -13.06
N TRP A 153 -2.82 -0.58 -13.59
CA TRP A 153 -1.91 0.18 -12.81
C TRP A 153 -2.72 0.99 -11.76
N THR A 154 -2.08 1.30 -10.67
CA THR A 154 -2.69 2.19 -9.69
C THR A 154 -1.61 3.20 -9.34
N LYS A 155 -2.00 4.20 -8.56
CA LYS A 155 -1.06 5.15 -7.94
C LYS A 155 -0.37 6.03 -9.00
N GLY A 156 -1.02 6.17 -10.16
CA GLY A 156 -0.48 6.97 -11.24
C GLY A 156 0.50 6.32 -12.20
N PHE A 157 0.75 5.01 -12.10
CA PHE A 157 1.50 4.29 -13.14
C PHE A 157 0.71 4.20 -14.46
N LYS A 158 1.44 4.08 -15.58
CA LYS A 158 0.75 4.19 -16.87
C LYS A 158 1.43 3.50 -18.07
N ALA A 159 2.53 2.80 -17.83
CA ALA A 159 3.24 2.15 -18.91
C ALA A 159 2.23 1.38 -19.78
N SER A 160 2.28 1.61 -21.08
CA SER A 160 1.27 1.08 -21.97
C SER A 160 1.55 -0.39 -22.21
N GLY A 161 0.48 -1.10 -22.62
CA GLY A 161 0.53 -2.53 -22.94
C GLY A 161 1.23 -3.36 -21.87
N ALA A 162 1.03 -2.98 -20.60
CA ALA A 162 1.46 -3.87 -19.49
C ALA A 162 0.24 -4.55 -18.86
N GLU A 163 -0.89 -3.84 -18.90
CA GLU A 163 -2.15 -4.41 -18.44
C GLU A 163 -2.58 -5.60 -19.28
N GLY A 164 -3.02 -6.65 -18.60
CA GLY A 164 -3.51 -7.86 -19.26
C GLY A 164 -2.42 -8.88 -19.51
N ASN A 165 -1.19 -8.57 -19.14
CA ASN A 165 -0.05 -9.39 -19.46
C ASN A 165 0.57 -9.99 -18.24
N ASN A 166 1.07 -11.21 -18.41
CA ASN A 166 1.80 -11.90 -17.35
C ASN A 166 2.99 -11.01 -17.07
N VAL A 167 3.09 -10.56 -15.81
CA VAL A 167 4.11 -9.59 -15.40
C VAL A 167 5.42 -10.34 -15.20
N VAL A 168 5.36 -11.57 -14.76
CA VAL A 168 6.63 -12.28 -14.65
C VAL A 168 7.29 -12.50 -16.04
N GLY A 169 6.48 -12.73 -17.06
CA GLY A 169 6.96 -12.83 -18.44
C GLY A 169 7.73 -11.60 -18.81
N LEU A 170 7.03 -10.46 -18.84
CA LEU A 170 7.60 -9.14 -19.09
C LEU A 170 8.98 -8.93 -18.45
N LEU A 171 9.16 -9.45 -17.24
CA LEU A 171 10.45 -9.32 -16.58
C LEU A 171 11.49 -10.32 -17.14
N ARG A 172 11.08 -11.55 -17.40
CA ARG A 172 12.00 -12.58 -17.93
C ARG A 172 12.43 -12.32 -19.42
N ASP A 173 11.66 -11.50 -20.12
CA ASP A 173 12.03 -11.02 -21.43
C ASP A 173 13.16 -10.00 -21.33
N ALA A 174 13.01 -9.03 -20.44
CA ALA A 174 14.01 -8.00 -20.28
C ALA A 174 15.32 -8.62 -19.81
N ILE A 175 15.22 -9.82 -19.25
CA ILE A 175 16.39 -10.56 -18.75
C ILE A 175 17.12 -11.30 -19.90
N LYS A 176 16.33 -11.95 -20.76
CA LYS A 176 16.79 -12.49 -22.05
C LYS A 176 17.33 -11.34 -22.94
N ARG A 177 16.44 -10.47 -23.44
CA ARG A 177 16.81 -9.32 -24.27
C ARG A 177 17.86 -8.37 -23.64
N ARG A 178 18.61 -8.85 -22.64
CA ARG A 178 19.75 -8.11 -22.08
C ARG A 178 21.07 -8.86 -22.19
N GLY A 179 21.01 -10.19 -22.28
CA GLY A 179 22.20 -11.02 -22.41
C GLY A 179 23.08 -11.01 -21.16
N ASP A 180 23.33 -9.80 -20.65
CA ASP A 180 24.02 -9.54 -19.37
C ASP A 180 24.08 -10.73 -18.41
N PHE A 181 22.99 -10.89 -17.63
CA PHE A 181 22.87 -11.89 -16.56
C PHE A 181 21.72 -12.88 -16.79
N GLU A 182 21.72 -13.93 -15.95
CA GLU A 182 20.59 -14.85 -15.85
C GLU A 182 20.09 -14.84 -14.38
N MET A 183 18.77 -14.69 -14.22
CA MET A 183 18.11 -14.79 -12.90
C MET A 183 16.95 -15.75 -13.06
N ASP A 184 16.72 -16.61 -12.07
CA ASP A 184 15.46 -17.36 -12.03
C ASP A 184 14.34 -16.66 -11.19
N VAL A 185 13.25 -16.27 -11.84
CA VAL A 185 12.14 -15.59 -11.19
C VAL A 185 11.17 -16.61 -10.64
N VAL A 186 11.24 -16.81 -9.31
CA VAL A 186 10.48 -17.84 -8.55
C VAL A 186 9.15 -17.40 -7.86
N ALA A 187 9.03 -16.11 -7.54
CA ALA A 187 7.82 -15.62 -6.85
C ALA A 187 7.62 -14.14 -7.10
N MET A 188 6.37 -13.81 -7.40
CA MET A 188 5.91 -12.46 -7.37
C MET A 188 4.88 -12.32 -6.23
N VAL A 189 5.12 -11.38 -5.30
CA VAL A 189 4.18 -11.03 -4.18
C VAL A 189 3.76 -9.52 -4.18
N ASN A 190 2.60 -9.24 -3.60
CA ASN A 190 2.18 -7.83 -3.39
C ASN A 190 2.96 -7.29 -2.21
N ASP A 191 3.23 -5.98 -2.16
CA ASP A 191 3.84 -5.43 -0.95
C ASP A 191 3.11 -5.79 0.40
N THR A 192 1.80 -5.90 0.40
CA THR A 192 1.07 -6.17 1.65
C THR A 192 1.58 -7.50 2.07
N VAL A 193 1.54 -8.46 1.13
CA VAL A 193 2.03 -9.86 1.37
C VAL A 193 3.44 -9.93 1.88
N ALA A 194 4.35 -9.26 1.21
CA ALA A 194 5.78 -9.21 1.74
C ALA A 194 5.90 -8.75 3.20
N THR A 195 5.11 -7.69 3.52
CA THR A 195 5.24 -7.13 4.85
C THR A 195 4.84 -8.14 5.86
N MET A 196 3.69 -8.79 5.65
CA MET A 196 3.24 -9.82 6.60
C MET A 196 4.27 -10.96 6.77
N ILE A 197 4.68 -11.52 5.62
CA ILE A 197 5.76 -12.57 5.56
C ILE A 197 6.97 -12.15 6.33
N SER A 198 7.42 -10.91 6.12
CA SER A 198 8.60 -10.44 6.88
C SER A 198 8.50 -10.42 8.39
N CYS A 199 7.28 -10.34 8.95
CA CYS A 199 7.12 -10.39 10.41
C CYS A 199 6.87 -11.76 10.95
N TYR A 200 6.56 -12.73 10.07
CA TYR A 200 6.13 -14.04 10.56
C TYR A 200 7.18 -14.83 11.43
N TYR A 201 8.48 -14.64 11.20
CA TYR A 201 9.56 -15.26 12.03
C TYR A 201 9.50 -14.75 13.46
N GLU A 202 9.36 -13.43 13.55
CA GLU A 202 9.31 -12.82 14.84
C GLU A 202 7.99 -13.12 15.58
N ASP A 203 6.94 -13.49 14.84
CA ASP A 203 5.54 -13.55 15.38
C ASP A 203 4.66 -14.38 14.47
N HIS A 204 4.45 -15.64 14.87
CA HIS A 204 3.64 -16.57 14.11
C HIS A 204 2.16 -16.23 14.08
N GLN A 205 1.73 -15.24 14.89
CA GLN A 205 0.33 -14.75 14.79
C GLN A 205 0.20 -13.69 13.70
N CYS A 206 1.28 -13.37 13.02
CA CYS A 206 1.18 -12.33 11.99
C CYS A 206 0.54 -12.91 10.73
N GLU A 207 -0.73 -12.59 10.50
CA GLU A 207 -1.46 -13.16 9.36
C GLU A 207 -2.22 -12.12 8.68
N VAL A 208 -1.83 -10.85 8.91
CA VAL A 208 -2.36 -9.76 8.08
C VAL A 208 -1.17 -8.86 7.78
N GLY A 209 -1.21 -8.24 6.58
CA GLY A 209 -0.25 -7.26 6.13
C GLY A 209 -0.99 -6.03 5.64
N MET A 210 -0.50 -4.83 5.99
CA MET A 210 -1.26 -3.66 5.57
C MET A 210 -0.30 -2.58 5.09
N ILE A 211 -0.57 -1.92 4.02
CA ILE A 211 0.39 -0.89 3.63
C ILE A 211 -0.40 0.41 3.79
N VAL A 212 0.16 1.42 4.51
CA VAL A 212 -0.44 2.77 4.40
C VAL A 212 0.68 3.75 3.96
N GLY A 213 0.86 3.88 2.65
CA GLY A 213 2.00 4.60 2.14
C GLY A 213 1.44 5.46 1.06
N THR A 214 2.10 5.47 -0.10
CA THR A 214 1.55 6.18 -1.27
C THR A 214 0.14 5.69 -1.59
N GLY A 215 -0.04 4.35 -1.51
CA GLY A 215 -1.36 3.73 -1.72
C GLY A 215 -1.76 3.07 -0.41
N CYS A 216 -2.89 2.38 -0.41
CA CYS A 216 -3.44 1.84 0.82
C CYS A 216 -4.02 0.46 0.47
N ASN A 217 -3.56 -0.62 1.11
CA ASN A 217 -4.10 -1.97 0.77
C ASN A 217 -3.86 -2.89 1.93
N ALA A 218 -4.45 -4.09 1.91
CA ALA A 218 -4.10 -5.14 2.91
C ALA A 218 -4.32 -6.55 2.39
N CYS A 219 -3.71 -7.50 3.05
CA CYS A 219 -3.89 -8.95 2.71
C CYS A 219 -4.04 -9.64 4.05
N TYR A 220 -4.52 -10.88 4.05
CA TYR A 220 -4.64 -11.70 5.26
C TYR A 220 -4.84 -13.17 4.85
N MET A 221 -4.62 -14.04 5.82
CA MET A 221 -4.76 -15.46 5.67
C MET A 221 -6.22 -15.90 5.77
N GLU A 222 -6.76 -16.25 4.60
CA GLU A 222 -8.08 -16.79 4.46
C GLU A 222 -8.15 -18.36 4.51
N GLU A 223 -9.26 -18.88 5.01
CA GLU A 223 -9.56 -20.31 4.90
C GLU A 223 -9.64 -20.75 3.44
N MET A 224 -8.94 -21.81 3.09
CA MET A 224 -8.96 -22.32 1.70
C MET A 224 -10.36 -22.65 1.21
N GLN A 225 -11.24 -23.14 2.11
CA GLN A 225 -12.61 -23.33 1.66
C GLN A 225 -13.33 -22.09 1.29
N ASN A 226 -12.97 -20.94 1.91
CA ASN A 226 -13.53 -19.62 1.57
C ASN A 226 -12.99 -19.00 0.29
N VAL A 227 -11.87 -19.50 -0.13
CA VAL A 227 -11.22 -19.02 -1.34
C VAL A 227 -11.74 -19.87 -2.52
N GLU A 228 -12.91 -19.51 -3.01
CA GLU A 228 -13.57 -20.25 -4.07
C GLU A 228 -12.87 -20.28 -5.40
N LEU A 229 -11.92 -19.37 -5.65
CA LEU A 229 -11.26 -19.33 -6.93
C LEU A 229 -9.98 -20.20 -6.96
N VAL A 230 -9.62 -20.87 -5.87
CA VAL A 230 -8.54 -21.84 -5.88
C VAL A 230 -9.15 -23.11 -5.32
N GLU A 231 -9.00 -24.23 -6.04
CA GLU A 231 -9.50 -25.57 -5.54
C GLU A 231 -8.85 -26.01 -4.27
N GLY A 232 -9.62 -26.57 -3.34
CA GLY A 232 -9.00 -26.98 -2.08
C GLY A 232 -9.73 -26.33 -0.93
N ASP A 233 -9.78 -27.04 0.18
CA ASP A 233 -10.50 -26.64 1.37
C ASP A 233 -9.56 -26.72 2.53
N GLU A 234 -8.31 -27.09 2.26
CA GLU A 234 -7.42 -27.41 3.34
C GLU A 234 -6.40 -26.32 3.58
N GLY A 235 -6.17 -25.97 4.82
CA GLY A 235 -5.18 -24.92 5.15
C GLY A 235 -5.66 -23.49 4.90
N ARG A 236 -4.71 -22.55 4.93
CA ARG A 236 -5.01 -21.11 4.54
C ARG A 236 -4.19 -20.64 3.31
N MET A 237 -4.76 -19.74 2.51
CA MET A 237 -4.01 -18.98 1.52
C MET A 237 -4.13 -17.44 1.77
N CYS A 238 -3.08 -16.70 1.45
CA CYS A 238 -3.10 -15.24 1.56
C CYS A 238 -3.92 -14.62 0.44
N VAL A 239 -4.82 -13.70 0.80
CA VAL A 239 -5.69 -13.04 -0.17
C VAL A 239 -5.29 -11.56 -0.18
N ASN A 240 -5.09 -10.99 -1.37
CA ASN A 240 -4.76 -9.63 -1.55
C ASN A 240 -6.05 -8.97 -1.76
N THR A 241 -6.55 -8.20 -0.75
CA THR A 241 -7.94 -7.69 -0.87
C THR A 241 -8.02 -6.73 -1.94
N GLU A 242 -6.93 -5.99 -2.19
CA GLU A 242 -7.00 -4.76 -3.03
C GLU A 242 -8.13 -3.73 -2.63
N TRP A 243 -8.24 -3.50 -1.35
CA TRP A 243 -9.32 -2.69 -0.76
C TRP A 243 -9.27 -1.21 -1.18
N GLY A 244 -8.17 -0.76 -1.79
CA GLY A 244 -8.10 0.50 -2.44
C GLY A 244 -9.29 0.77 -3.30
N ALA A 245 -9.86 -0.28 -3.95
CA ALA A 245 -10.97 -0.04 -4.89
C ALA A 245 -12.30 -0.18 -4.26
N PHE A 246 -12.32 -0.48 -3.00
CA PHE A 246 -13.59 -0.33 -2.26
C PHE A 246 -14.21 1.05 -2.55
N GLY A 247 -15.51 1.12 -2.84
CA GLY A 247 -16.20 2.35 -3.29
C GLY A 247 -16.29 2.56 -4.83
N ASP A 248 -15.51 1.82 -5.63
CA ASP A 248 -15.56 1.99 -7.08
C ASP A 248 -16.94 1.58 -7.69
N SER A 249 -17.78 0.89 -6.90
CA SER A 249 -19.19 0.61 -7.23
C SER A 249 -20.21 1.42 -6.45
N GLY A 250 -19.76 2.52 -5.83
CA GLY A 250 -20.62 3.46 -5.16
C GLY A 250 -20.80 3.25 -3.68
N GLU A 251 -20.10 2.31 -3.06
CA GLU A 251 -20.19 2.01 -1.62
C GLU A 251 -19.79 3.14 -0.68
N LEU A 252 -19.06 4.13 -1.17
CA LEU A 252 -18.61 5.27 -0.33
C LEU A 252 -19.33 6.58 -0.73
N ASP A 253 -20.37 6.48 -1.53
CA ASP A 253 -20.89 7.66 -2.20
C ASP A 253 -21.35 8.68 -1.18
N GLU A 254 -22.01 8.21 -0.12
CA GLU A 254 -22.48 9.05 0.96
C GLU A 254 -21.37 9.72 1.82
N PHE A 255 -20.13 9.38 1.55
CA PHE A 255 -19.01 9.94 2.30
C PHE A 255 -18.14 10.90 1.54
N LEU A 256 -18.15 10.76 0.21
CA LEU A 256 -17.24 11.52 -0.61
C LEU A 256 -17.61 13.01 -0.56
N LEU A 257 -16.60 13.86 -0.60
CA LEU A 257 -16.79 15.28 -0.44
C LEU A 257 -16.37 15.85 -1.76
N GLU A 258 -16.72 17.12 -2.04
CA GLU A 258 -16.28 17.83 -3.20
C GLU A 258 -14.78 17.67 -3.44
N TYR A 259 -14.00 17.56 -2.35
CA TYR A 259 -12.54 17.44 -2.49
C TYR A 259 -12.12 16.07 -3.09
N ASP A 260 -12.83 15.05 -2.66
CA ASP A 260 -12.60 13.71 -3.07
C ASP A 260 -12.94 13.59 -4.59
N ARG A 261 -14.09 14.13 -4.94
CA ARG A 261 -14.56 14.16 -6.32
C ARG A 261 -13.56 14.84 -7.23
N LEU A 262 -12.99 15.97 -6.78
CA LEU A 262 -11.97 16.65 -7.59
C LEU A 262 -10.62 15.93 -7.73
N VAL A 263 -10.11 15.38 -6.62
CA VAL A 263 -8.93 14.55 -6.67
C VAL A 263 -9.19 13.38 -7.68
N ASP A 264 -10.38 12.76 -7.58
CA ASP A 264 -10.66 11.61 -8.42
C ASP A 264 -10.66 12.03 -9.91
N GLU A 265 -11.40 13.11 -10.22
CA GLU A 265 -11.56 13.57 -11.62
C GLU A 265 -10.28 13.98 -12.32
N SER A 266 -9.29 14.45 -11.56
CA SER A 266 -8.05 14.90 -12.15
C SER A 266 -6.93 13.87 -11.98
N SER A 267 -7.30 12.69 -11.50
CA SER A 267 -6.34 11.62 -11.30
C SER A 267 -6.04 10.83 -12.60
N ALA A 268 -4.96 10.04 -12.57
CA ALA A 268 -4.58 9.15 -13.67
C ALA A 268 -5.59 8.02 -13.90
N ASN A 269 -6.37 7.73 -12.85
CA ASN A 269 -7.29 6.60 -12.84
C ASN A 269 -8.64 6.96 -12.33
N PRO A 270 -9.36 7.88 -13.01
CA PRO A 270 -10.62 8.39 -12.50
C PRO A 270 -11.68 7.30 -12.27
N GLY A 271 -12.40 7.36 -11.15
CA GLY A 271 -13.50 6.39 -10.90
C GLY A 271 -12.97 5.17 -10.18
N GLN A 272 -11.64 4.99 -10.16
CA GLN A 272 -11.02 3.85 -9.52
C GLN A 272 -10.18 4.22 -8.29
N GLN A 273 -9.93 3.21 -7.46
CA GLN A 273 -9.15 3.35 -6.26
C GLN A 273 -9.73 4.41 -5.28
N LEU A 274 -11.05 4.52 -5.16
CA LEU A 274 -11.70 5.62 -4.41
C LEU A 274 -11.45 5.56 -2.89
N TYR A 275 -11.40 4.35 -2.30
CA TYR A 275 -11.07 4.20 -0.89
C TYR A 275 -9.64 4.64 -0.65
N GLU A 276 -8.76 4.29 -1.60
CA GLU A 276 -7.39 4.60 -1.43
C GLU A 276 -7.10 6.11 -1.53
N LYS A 277 -7.84 6.74 -2.42
CA LYS A 277 -7.85 8.22 -2.57
C LYS A 277 -8.27 9.01 -1.27
N LEU A 278 -8.88 8.33 -0.30
CA LEU A 278 -9.25 8.98 0.99
C LEU A 278 -8.07 8.90 1.98
N ILE A 279 -7.10 8.01 1.69
CA ILE A 279 -6.13 7.61 2.67
C ILE A 279 -4.68 7.79 2.23
N GLY A 280 -4.35 7.30 1.01
CA GLY A 280 -2.95 7.17 0.61
C GLY A 280 -2.24 8.53 0.51
N GLY A 281 -0.95 8.48 0.72
CA GLY A 281 -0.07 9.63 0.63
C GLY A 281 0.03 10.13 -0.79
N LYS A 282 -0.42 9.40 -1.79
CA LYS A 282 -0.41 10.01 -3.14
C LYS A 282 -1.44 11.16 -3.22
N TYR A 283 -2.46 11.10 -2.38
CA TYR A 283 -3.60 11.93 -2.48
C TYR A 283 -3.77 12.84 -1.25
N MET A 284 -3.19 12.50 -0.11
CA MET A 284 -3.52 13.20 1.13
C MET A 284 -3.09 14.71 1.07
N GLY A 285 -1.91 15.00 0.51
CA GLY A 285 -1.47 16.39 0.36
C GLY A 285 -2.33 17.16 -0.62
N GLU A 286 -2.72 16.52 -1.74
CA GLU A 286 -3.69 17.11 -2.64
C GLU A 286 -5.05 17.46 -2.05
N LEU A 287 -5.62 16.59 -1.23
CA LEU A 287 -6.83 16.86 -0.51
C LEU A 287 -6.73 18.17 0.36
N VAL A 288 -5.73 18.24 1.25
CA VAL A 288 -5.45 19.40 2.06
C VAL A 288 -5.37 20.61 1.09
N ARG A 289 -4.58 20.53 0.02
CA ARG A 289 -4.49 21.67 -0.95
C ARG A 289 -5.86 22.21 -1.39
N LEU A 290 -6.76 21.29 -1.73
CA LEU A 290 -8.10 21.65 -2.20
C LEU A 290 -8.93 22.23 -1.10
N VAL A 291 -8.78 21.67 0.11
CA VAL A 291 -9.45 22.22 1.25
C VAL A 291 -8.93 23.67 1.49
N LEU A 292 -7.60 23.89 1.30
CA LEU A 292 -7.00 25.25 1.50
C LEU A 292 -7.55 26.23 0.47
N LEU A 293 -7.59 25.81 -0.80
CA LEU A 293 -8.24 26.56 -1.89
C LEU A 293 -9.70 26.90 -1.58
N ARG A 294 -10.51 25.95 -1.13
CA ARG A 294 -11.85 26.27 -0.70
C ARG A 294 -11.83 27.34 0.39
N LEU A 295 -11.04 27.15 1.44
CA LEU A 295 -10.98 28.15 2.51
C LEU A 295 -10.64 29.54 1.97
N VAL A 296 -9.69 29.62 1.02
CA VAL A 296 -9.31 30.92 0.51
C VAL A 296 -10.36 31.59 -0.40
N ASP A 297 -11.05 30.81 -1.26
CA ASP A 297 -12.09 31.30 -2.17
C ASP A 297 -13.21 31.85 -1.35
N GLU A 298 -13.30 31.37 -0.12
CA GLU A 298 -14.28 31.92 0.80
C GLU A 298 -13.74 33.05 1.71
N ASN A 299 -12.50 33.49 1.46
CA ASN A 299 -11.85 34.59 2.22
C ASN A 299 -11.66 34.32 3.69
N LEU A 300 -11.35 33.06 4.01
CA LEU A 300 -11.22 32.63 5.38
C LEU A 300 -9.75 32.33 5.61
N LEU A 301 -8.92 32.41 4.56
CA LEU A 301 -7.52 32.05 4.65
C LEU A 301 -6.70 32.86 3.65
N PHE A 302 -5.49 33.23 4.05
CA PHE A 302 -4.58 34.09 3.27
C PHE A 302 -5.29 35.38 2.74
N HIS A 303 -6.21 35.93 3.54
CA HIS A 303 -7.10 37.04 3.15
C HIS A 303 -7.67 36.83 1.75
N GLY A 304 -8.02 35.59 1.44
CA GLY A 304 -8.64 35.28 0.17
C GLY A 304 -7.65 35.29 -0.96
N GLU A 305 -6.37 35.18 -0.67
CA GLU A 305 -5.39 35.25 -1.73
C GLU A 305 -4.41 34.04 -1.79
N ALA A 306 -4.50 33.25 -2.84
CA ALA A 306 -3.67 32.06 -2.96
C ALA A 306 -2.52 32.20 -3.95
N SER A 307 -1.30 31.84 -3.53
CA SER A 307 -0.18 31.88 -4.45
C SER A 307 -0.30 31.02 -5.72
N GLU A 308 0.55 31.32 -6.71
CA GLU A 308 0.75 30.51 -7.90
C GLU A 308 0.97 29.02 -7.57
N GLN A 309 1.95 28.71 -6.70
CA GLN A 309 2.22 27.32 -6.29
C GLN A 309 1.02 26.64 -5.63
N LEU A 310 0.31 27.34 -4.75
CA LEU A 310 -0.85 26.78 -4.08
C LEU A 310 -1.97 26.39 -5.06
N ARG A 311 -2.08 27.11 -6.17
CA ARG A 311 -3.06 26.77 -7.20
C ARG A 311 -2.49 25.71 -8.18
N THR A 312 -1.31 25.16 -7.89
CA THR A 312 -0.85 24.08 -8.73
C THR A 312 -1.01 22.66 -8.14
N ARG A 313 -1.61 21.79 -8.94
CA ARG A 313 -1.75 20.38 -8.66
C ARG A 313 -0.45 19.72 -8.15
N GLY A 314 -0.50 19.08 -7.00
CA GLY A 314 0.64 18.37 -6.50
C GLY A 314 1.54 19.13 -5.59
N ALA A 315 1.37 20.46 -5.56
CA ALA A 315 2.24 21.37 -4.77
C ALA A 315 2.16 21.22 -3.28
N PHE A 316 1.00 20.90 -2.72
CA PHE A 316 1.00 20.64 -1.30
C PHE A 316 1.31 19.15 -1.08
N GLU A 317 2.57 18.88 -0.76
CA GLU A 317 3.08 17.55 -0.60
C GLU A 317 2.56 16.90 0.62
N THR A 318 2.36 15.59 0.56
CA THR A 318 1.89 14.83 1.71
C THR A 318 2.81 14.95 2.91
N ARG A 319 4.11 15.02 2.65
CA ARG A 319 5.11 15.20 3.72
C ARG A 319 4.90 16.51 4.51
N PHE A 320 4.28 17.49 3.85
CA PHE A 320 3.93 18.82 4.44
C PHE A 320 2.82 18.64 5.43
N VAL A 321 1.93 17.65 5.15
CA VAL A 321 0.83 17.37 6.02
C VAL A 321 1.37 16.95 7.36
N SER A 322 2.27 15.98 7.30
CA SER A 322 2.92 15.43 8.41
C SER A 322 3.77 16.46 9.17
N GLN A 323 4.53 17.26 8.42
CA GLN A 323 5.31 18.41 9.05
C GLN A 323 4.46 19.48 9.69
N VAL A 324 3.48 20.01 8.98
CA VAL A 324 2.44 20.86 9.67
C VAL A 324 1.99 20.22 11.01
N GLU A 325 1.66 18.92 11.04
CA GLU A 325 1.12 18.40 12.33
C GLU A 325 2.17 18.03 13.34
N SER A 326 3.41 18.22 12.97
CA SER A 326 4.52 18.09 13.95
C SER A 326 4.91 19.43 14.58
N ASP A 327 4.39 20.52 14.03
CA ASP A 327 4.61 21.88 14.59
C ASP A 327 4.41 21.87 16.06
N THR A 328 5.35 22.48 16.79
CA THR A 328 5.23 22.38 18.25
C THR A 328 4.28 23.39 18.84
N GLY A 329 3.80 24.35 18.02
CA GLY A 329 2.85 25.34 18.51
C GLY A 329 3.41 26.74 18.27
N ASP A 330 4.72 26.82 18.02
CA ASP A 330 5.38 28.07 17.69
C ASP A 330 5.16 28.47 16.23
N ARG A 331 4.50 27.62 15.44
CA ARG A 331 4.16 27.94 14.02
C ARG A 331 5.33 28.03 13.06
N LYS A 332 6.52 27.80 13.56
CA LYS A 332 7.70 27.81 12.70
C LYS A 332 7.70 26.87 11.55
N GLN A 333 7.37 25.60 11.78
CA GLN A 333 7.33 24.64 10.66
C GLN A 333 6.24 25.05 9.73
N ILE A 334 5.06 25.38 10.28
CA ILE A 334 3.95 25.75 9.39
C ILE A 334 4.33 26.95 8.49
N TYR A 335 4.77 28.01 9.16
CA TYR A 335 5.23 29.21 8.47
C TYR A 335 6.26 28.81 7.44
N ASN A 336 7.29 28.05 7.83
CA ASN A 336 8.29 27.76 6.77
C ASN A 336 7.80 26.95 5.60
N ILE A 337 6.86 26.03 5.79
CA ILE A 337 6.24 25.35 4.61
C ILE A 337 5.48 26.27 3.71
N LEU A 338 4.65 27.11 4.34
CA LEU A 338 3.78 28.00 3.60
C LEU A 338 4.66 29.01 2.87
N SER A 339 5.71 29.47 3.54
CA SER A 339 6.47 30.60 2.96
C SER A 339 7.12 30.15 1.69
N THR A 340 7.75 28.96 1.70
CA THR A 340 8.23 28.22 0.51
C THR A 340 7.25 28.01 -0.62
N LEU A 341 5.97 28.08 -0.30
CA LEU A 341 4.90 27.90 -1.31
C LEU A 341 4.47 29.27 -1.85
N GLY A 342 5.27 30.30 -1.49
CA GLY A 342 5.05 31.70 -1.85
C GLY A 342 3.96 32.36 -1.03
N LEU A 343 3.80 31.91 0.21
CA LEU A 343 2.73 32.48 1.05
C LEU A 343 3.31 33.20 2.24
N ARG A 344 2.51 34.09 2.80
CA ARG A 344 2.91 34.89 3.95
C ARG A 344 1.77 34.76 4.92
N PRO A 345 1.75 33.66 5.68
CA PRO A 345 0.61 33.40 6.54
C PRO A 345 0.67 34.19 7.86
N SER A 346 -0.50 34.55 8.38
CA SER A 346 -0.63 35.08 9.74
C SER A 346 -0.67 33.97 10.78
N THR A 347 -0.66 34.35 12.03
CA THR A 347 -0.88 33.41 13.11
C THR A 347 -2.16 32.51 12.91
N THR A 348 -3.25 33.15 12.49
CA THR A 348 -4.48 32.44 12.39
C THR A 348 -4.43 31.59 11.10
N ASP A 349 -3.80 32.09 10.05
CA ASP A 349 -3.60 31.32 8.84
C ASP A 349 -2.89 29.98 9.14
N CYS A 350 -1.80 30.04 9.91
CA CYS A 350 -1.07 28.83 10.29
C CYS A 350 -1.99 27.87 11.02
N ASP A 351 -2.84 28.40 11.91
CA ASP A 351 -3.56 27.51 12.81
C ASP A 351 -4.65 26.79 12.00
N ILE A 352 -5.21 27.52 11.05
CA ILE A 352 -6.24 27.01 10.11
C ILE A 352 -5.63 25.89 9.26
N VAL A 353 -4.48 26.16 8.65
CA VAL A 353 -3.79 25.14 7.86
C VAL A 353 -3.53 23.86 8.66
N ARG A 354 -3.19 23.99 9.92
CA ARG A 354 -2.97 22.85 10.82
C ARG A 354 -4.28 22.07 10.97
N ARG A 355 -5.35 22.82 11.24
CA ARG A 355 -6.69 22.25 11.36
C ARG A 355 -7.10 21.55 10.08
N ALA A 356 -6.83 22.13 8.90
CA ALA A 356 -7.15 21.48 7.66
C ALA A 356 -6.40 20.12 7.56
N CYS A 357 -5.13 20.11 7.94
CA CYS A 357 -4.22 18.93 7.96
C CYS A 357 -4.76 17.84 8.89
N GLU A 358 -5.15 18.21 10.12
CA GLU A 358 -5.70 17.28 11.06
C GLU A 358 -6.95 16.59 10.62
N SER A 359 -7.79 17.36 9.95
CA SER A 359 -9.05 16.87 9.44
C SER A 359 -8.90 15.84 8.35
N VAL A 360 -8.03 16.12 7.39
CA VAL A 360 -7.73 15.18 6.29
C VAL A 360 -7.10 13.91 6.83
N SER A 361 -6.13 14.03 7.72
CA SER A 361 -5.41 12.91 8.20
C SER A 361 -6.13 12.09 9.27
N THR A 362 -6.91 12.72 10.14
CA THR A 362 -7.80 12.02 11.02
C THR A 362 -8.83 11.18 10.26
N ARG A 363 -9.39 11.72 9.17
CA ARG A 363 -10.38 11.02 8.40
C ARG A 363 -9.73 9.80 7.66
N ALA A 364 -8.48 9.95 7.21
CA ALA A 364 -7.72 8.84 6.65
C ALA A 364 -7.47 7.79 7.71
N ALA A 365 -7.06 8.14 8.92
CA ALA A 365 -6.85 7.13 9.99
C ALA A 365 -8.11 6.33 10.30
N HIS A 366 -9.21 7.05 10.44
CA HIS A 366 -10.49 6.45 10.82
C HIS A 366 -11.03 5.62 9.68
N MET A 367 -11.00 6.15 8.48
CA MET A 367 -11.46 5.46 7.29
C MET A 367 -10.65 4.14 7.19
N CYS A 368 -9.32 4.24 7.34
CA CYS A 368 -8.45 3.04 7.29
C CYS A 368 -8.77 2.02 8.43
N SER A 369 -9.11 2.53 9.63
CA SER A 369 -9.41 1.67 10.78
C SER A 369 -10.62 0.81 10.46
N ALA A 370 -11.57 1.32 9.67
CA ALA A 370 -12.81 0.58 9.39
C ALA A 370 -12.52 -0.60 8.43
N GLY A 371 -11.58 -0.35 7.51
CA GLY A 371 -11.13 -1.36 6.57
C GLY A 371 -10.51 -2.49 7.36
N LEU A 372 -9.47 -2.21 8.14
CA LEU A 372 -8.82 -3.25 8.92
C LEU A 372 -9.72 -3.99 9.89
N ALA A 373 -10.50 -3.25 10.70
CA ALA A 373 -11.46 -3.92 11.64
C ALA A 373 -12.37 -4.88 10.85
N GLY A 374 -12.73 -4.53 9.62
CA GLY A 374 -13.59 -5.39 8.80
C GLY A 374 -12.89 -6.75 8.53
N VAL A 375 -11.58 -6.66 8.16
CA VAL A 375 -10.68 -7.82 7.95
C VAL A 375 -10.52 -8.63 9.20
N ILE A 376 -10.18 -7.97 10.32
CA ILE A 376 -10.01 -8.70 11.59
C ILE A 376 -11.30 -9.41 12.11
N ASN A 377 -12.44 -8.69 12.13
CA ASN A 377 -13.73 -9.29 12.51
C ASN A 377 -14.21 -10.44 11.58
N ARG A 378 -14.02 -10.30 10.28
CA ARG A 378 -14.23 -11.42 9.37
C ARG A 378 -13.41 -12.65 9.75
N MET A 379 -12.12 -12.45 10.00
CA MET A 379 -11.22 -13.51 10.31
C MET A 379 -11.64 -14.10 11.70
N ARG A 380 -12.01 -13.25 12.66
CA ARG A 380 -12.46 -13.77 14.00
C ARG A 380 -13.67 -14.76 13.91
N GLU A 381 -14.55 -14.46 12.96
CA GLU A 381 -15.76 -15.19 12.62
C GLU A 381 -15.43 -16.49 11.85
N SER A 382 -14.51 -16.36 10.89
CA SER A 382 -14.09 -17.49 10.02
C SER A 382 -13.39 -18.52 10.82
N ARG A 383 -12.64 -18.10 11.84
CA ARG A 383 -11.85 -19.03 12.58
C ARG A 383 -12.60 -19.49 13.80
N SER A 384 -13.78 -18.89 14.02
CA SER A 384 -14.63 -19.26 15.17
C SER A 384 -13.91 -19.14 16.50
N GLU A 385 -13.29 -18.00 16.73
CA GLU A 385 -12.64 -17.85 18.02
C GLU A 385 -13.15 -16.74 18.88
N ASP A 386 -13.11 -17.06 20.18
CA ASP A 386 -13.73 -16.25 21.21
C ASP A 386 -12.97 -14.92 21.32
N VAL A 387 -11.80 -14.92 21.96
CA VAL A 387 -10.86 -13.80 21.88
C VAL A 387 -9.74 -14.06 20.87
N MET A 388 -9.82 -13.40 19.72
CA MET A 388 -8.79 -13.58 18.68
C MET A 388 -7.53 -12.72 18.86
N ARG A 389 -6.40 -13.38 19.08
CA ARG A 389 -5.16 -12.69 19.19
C ARG A 389 -4.48 -12.75 17.79
N ILE A 390 -4.29 -11.59 17.16
CA ILE A 390 -3.75 -11.49 15.82
C ILE A 390 -2.67 -10.36 15.73
N THR A 391 -1.62 -10.60 14.93
CA THR A 391 -0.59 -9.58 14.58
C THR A 391 -0.79 -9.11 13.15
N VAL A 392 -0.64 -7.79 12.97
CA VAL A 392 -0.77 -7.12 11.68
C VAL A 392 0.64 -6.54 11.43
N GLY A 393 1.22 -6.82 10.24
CA GLY A 393 2.53 -6.27 9.90
C GLY A 393 2.20 -5.12 9.02
N VAL A 394 2.88 -4.00 9.20
CA VAL A 394 2.46 -2.73 8.58
C VAL A 394 3.62 -1.97 7.98
N ASP A 395 3.43 -1.37 6.84
CA ASP A 395 4.53 -0.55 6.35
C ASP A 395 3.89 0.64 5.69
N GLY A 396 4.68 1.66 5.37
CA GLY A 396 4.20 2.77 4.59
C GLY A 396 4.46 4.05 5.42
N SER A 397 4.75 5.16 4.74
CA SER A 397 5.28 6.42 5.37
C SER A 397 4.18 7.17 6.13
N VAL A 398 2.96 7.15 5.56
CA VAL A 398 1.77 7.72 6.23
C VAL A 398 1.65 7.10 7.62
N TYR A 399 1.46 5.77 7.69
CA TYR A 399 1.42 5.10 9.01
C TYR A 399 2.67 5.28 9.86
N LYS A 400 3.85 5.14 9.28
CA LYS A 400 5.04 5.06 10.11
C LYS A 400 5.45 6.45 10.63
N LEU A 401 5.32 7.45 9.78
CA LEU A 401 5.94 8.74 10.07
C LEU A 401 4.96 9.95 10.30
N HIS A 402 3.67 9.85 9.95
CA HIS A 402 2.75 10.97 10.24
C HIS A 402 2.59 11.02 11.75
N PRO A 403 2.80 12.20 12.44
CA PRO A 403 2.93 12.08 13.94
C PRO A 403 1.73 11.51 14.67
N SER A 404 0.55 11.61 14.15
CA SER A 404 -0.46 11.08 15.09
C SER A 404 -1.33 9.96 14.46
N PHE A 405 -1.12 9.72 13.17
CA PHE A 405 -1.94 8.73 12.38
C PHE A 405 -2.01 7.37 13.09
N LYS A 406 -0.85 6.78 13.43
CA LYS A 406 -0.83 5.44 14.04
C LYS A 406 -1.66 5.38 15.33
N GLU A 407 -1.43 6.34 16.23
CA GLU A 407 -2.21 6.33 17.49
C GLU A 407 -3.73 6.45 17.30
N ARG A 408 -4.17 7.33 16.41
CA ARG A 408 -5.61 7.55 16.08
C ARG A 408 -6.11 6.30 15.40
N PHE A 409 -5.28 5.76 14.51
CA PHE A 409 -5.65 4.51 13.82
C PHE A 409 -5.78 3.36 14.79
N HIS A 410 -4.75 3.07 15.58
CA HIS A 410 -4.87 1.96 16.53
C HIS A 410 -6.13 2.14 17.44
N ALA A 411 -6.33 3.34 17.98
CA ALA A 411 -7.50 3.56 18.96
C ALA A 411 -8.83 3.20 18.25
N SER A 412 -8.97 3.67 17.01
CA SER A 412 -10.18 3.46 16.27
C SER A 412 -10.41 1.98 15.85
N VAL A 413 -9.36 1.26 15.39
CA VAL A 413 -9.52 -0.18 15.10
C VAL A 413 -9.86 -0.99 16.35
N ARG A 414 -9.20 -0.70 17.46
CA ARG A 414 -9.48 -1.41 18.69
C ARG A 414 -10.92 -1.19 19.17
N ARG A 415 -11.43 0.02 19.04
CA ARG A 415 -12.85 0.31 19.23
C ARG A 415 -13.76 -0.59 18.39
N LEU A 416 -13.48 -0.80 17.11
CA LEU A 416 -14.35 -1.57 16.22
C LEU A 416 -14.07 -3.11 16.27
N THR A 417 -13.13 -3.56 17.11
CA THR A 417 -12.82 -4.99 17.15
C THR A 417 -12.86 -5.55 18.58
N PRO A 418 -14.08 -5.62 19.18
CA PRO A 418 -14.32 -6.35 20.44
C PRO A 418 -13.84 -7.78 20.42
N SER A 419 -13.27 -8.22 21.53
CA SER A 419 -12.81 -9.59 21.66
C SER A 419 -11.69 -9.97 20.68
N CYS A 420 -10.98 -8.99 20.14
CA CYS A 420 -9.74 -9.17 19.37
C CYS A 420 -8.63 -8.44 20.07
N GLU A 421 -7.46 -9.06 20.17
CA GLU A 421 -6.30 -8.38 20.74
C GLU A 421 -5.25 -8.24 19.65
N ILE A 422 -5.07 -7.02 19.14
CA ILE A 422 -4.29 -6.78 17.94
C ILE A 422 -2.94 -6.21 18.33
N THR A 423 -1.90 -6.87 17.79
CA THR A 423 -0.52 -6.46 17.89
C THR A 423 -0.06 -5.93 16.53
N PHE A 424 0.55 -4.74 16.53
CA PHE A 424 0.97 -4.10 15.29
C PHE A 424 2.47 -4.19 15.21
N ILE A 425 3.01 -4.60 14.07
CA ILE A 425 4.48 -4.66 14.00
C ILE A 425 4.79 -3.90 12.75
N GLU A 426 5.75 -3.01 12.84
CA GLU A 426 6.20 -2.27 11.67
C GLU A 426 7.35 -3.10 11.10
N SER A 427 7.27 -3.33 9.80
CA SER A 427 8.21 -4.28 9.21
C SER A 427 9.56 -3.57 8.93
N GLU A 428 10.66 -4.35 9.00
CA GLU A 428 12.03 -3.89 8.79
C GLU A 428 12.39 -4.51 7.48
N GLU A 429 12.59 -3.67 6.49
CA GLU A 429 12.83 -4.18 5.17
C GLU A 429 11.86 -5.33 4.76
N GLY A 430 10.55 -5.02 4.86
CA GLY A 430 9.45 -5.93 4.60
C GLY A 430 9.34 -6.38 3.15
N SER A 431 9.35 -5.46 2.21
CA SER A 431 9.42 -5.78 0.77
C SER A 431 10.49 -6.86 0.43
N GLY A 432 11.72 -6.62 0.86
CA GLY A 432 12.82 -7.37 0.28
C GLY A 432 12.99 -8.65 1.04
N ARG A 433 12.98 -8.56 2.37
CA ARG A 433 12.94 -9.76 3.17
C ARG A 433 11.72 -10.67 2.92
N GLY A 434 10.54 -10.07 2.70
CA GLY A 434 9.32 -10.76 2.42
C GLY A 434 9.38 -11.53 1.07
N ALA A 435 9.75 -10.88 -0.02
CA ALA A 435 9.92 -11.48 -1.32
C ALA A 435 11.01 -12.63 -1.25
N ALA A 436 12.05 -12.43 -0.44
CA ALA A 436 13.13 -13.40 -0.22
C ALA A 436 12.66 -14.69 0.46
N LEU A 437 11.81 -14.56 1.48
CA LEU A 437 11.31 -15.68 2.22
C LEU A 437 10.32 -16.55 1.45
N VAL A 438 9.47 -15.90 0.64
CA VAL A 438 8.56 -16.58 -0.24
C VAL A 438 9.39 -17.37 -1.29
N SER A 439 10.30 -16.67 -1.95
CA SER A 439 11.31 -17.21 -2.87
C SER A 439 11.97 -18.46 -2.33
N ALA A 440 12.51 -18.39 -1.11
CA ALA A 440 13.16 -19.51 -0.47
C ALA A 440 12.27 -20.72 -0.22
N VAL A 441 10.97 -20.48 0.01
CA VAL A 441 9.97 -21.57 0.05
C VAL A 441 9.60 -22.04 -1.36
N ALA A 442 9.40 -21.11 -2.29
CA ALA A 442 9.14 -21.45 -3.69
C ALA A 442 10.28 -22.29 -4.29
N CYS A 443 11.45 -22.25 -3.64
CA CYS A 443 12.64 -23.03 -3.98
C CYS A 443 12.67 -24.34 -3.19
N LYS A 444 11.57 -25.05 -3.14
CA LYS A 444 11.61 -26.38 -2.58
C LYS A 444 11.15 -27.30 -3.69
N LYS A 445 10.25 -26.78 -4.52
CA LYS A 445 9.92 -27.43 -5.77
C LYS A 445 11.21 -27.62 -6.60
N ALA A 446 11.81 -26.51 -7.06
CA ALA A 446 13.03 -26.57 -7.92
C ALA A 446 14.38 -26.76 -7.15
C1 GLC B . -2.31 0.18 -4.47
C2 GLC B . -2.04 -1.10 -5.27
C3 GLC B . -1.84 -2.28 -4.31
C4 GLC B . -0.77 -1.93 -3.33
C5 GLC B . -1.06 -0.59 -2.64
C6 GLC B . -0.05 -0.19 -1.56
O1 GLC B . -3.46 -0.05 -3.61
O2 GLC B . -3.14 -1.30 -6.20
O3 GLC B . -1.39 -3.53 -4.95
O4 GLC B . -0.77 -2.99 -2.38
O5 GLC B . -1.17 0.41 -3.62
O6 GLC B . 1.29 -0.01 -2.13
C1 TK1 C . 10.71 -20.84 9.33
C2 TK1 C . 4.89 -20.80 -2.55
C3 TK1 C . 3.75 -21.59 -2.50
C4 TK1 C . 5.27 -20.10 -1.44
C5 TK1 C . 7.76 -18.96 6.79
C6 TK1 C . 8.67 -16.82 7.43
C7 TK1 C . 8.33 -19.53 7.88
C8 TK1 C . 9.25 -17.39 8.54
C9 TK1 C . 3.05 -21.63 -1.32
C10 TK1 C . 4.25 -18.59 4.38
C11 TK1 C . 6.86 -17.92 3.43
C12 TK1 C . 1.07 -17.39 7.62
C13 TK1 C . 1.45 -15.90 7.47
C14 TK1 C . 4.69 -17.63 6.62
C15 TK1 C . 7.94 -17.62 6.58
C16 TK1 C . 9.06 -18.73 8.71
C17 TK1 C . 4.51 -20.21 -0.29
C18 TK1 C . 5.16 -17.96 5.21
C19 TK1 C . 4.68 -18.89 3.09
C20 TK1 C . 5.95 -18.58 2.57
C21 TK1 C . 6.43 -17.66 4.73
C22 TK1 C . 4.87 -19.56 0.95
C23 TK1 C . 2.31 -18.16 7.17
C24 TK1 C . 2.89 -15.98 6.95
N25 TK1 C . 4.02 -19.52 2.05
N26 TK1 C . 3.42 -20.98 -0.21
N27 TK1 C . 6.03 -19.00 1.24
N28 TK1 C . 3.26 -17.27 6.72
O29 TK1 C . 2.43 -19.38 7.19
O30 TK1 C . 3.66 -15.08 6.80
O31 TK1 C . 10.65 -18.47 10.67
O32 TK1 C . 8.76 -20.16 10.89
O33 TK1 C . 7.35 -17.00 5.52
S34 TK1 C . 9.79 -19.52 10.10
NA NA D . -10.61 -23.28 -2.05
#